data_8AIT
#
_entry.id   8AIT
#
_cell.length_a   43.100
_cell.length_b   52.900
_cell.length_c   56.748
_cell.angle_alpha   90.000
_cell.angle_beta   106.305
_cell.angle_gamma   90.000
#
_symmetry.space_group_name_H-M   'P 1 21 1'
#
loop_
_entity.id
_entity.type
_entity.pdbx_description
1 polymer Cutinase
2 non-polymer 'SULFATE ION'
3 water water
#
_entity_poly.entity_id   1
_entity_poly.type   'polypeptide(L)'
_entity_poly.pdbx_seq_one_letter_code
;MINKNLSQSLLAMMAAGALLLSSSAFAVNPPTDGPTDPDQAYERGPDPSVAFLEAPTGPHSVRTSRVSGLVSGFGGGTIH
YPTGTTGTMAAIVVIPGFVSAESSIEWWGPKLASHGFVVMTIDTNTGFDQPPSRARQINNALDYLVSQNTSRTSPVNGMI
DTERLGVIGWSMGGGGTLRVASEGRIKAAIPLAPWDTTRFRGVQAPTLIFACESDLIAPVRSHASPFYNQLPDDIDKAYV
EINNGSHYCANGGGLNNDVLSRFGVSWMKRFLDNDTRYSQFLCGPNHESDRNISEYRGNCPYLEHHHHHH
;
_entity_poly.pdbx_strand_id   A
#
# COMPACT_ATOMS: atom_id res chain seq x y z
N ALA A 41 -18.52 -10.66 -4.04
CA ALA A 41 -19.35 -9.68 -3.32
C ALA A 41 -18.78 -8.28 -3.53
N TYR A 42 -17.44 -8.19 -3.44
CA TYR A 42 -16.71 -6.94 -3.50
C TYR A 42 -15.87 -6.85 -4.77
N GLU A 43 -16.00 -7.79 -5.69
CA GLU A 43 -15.21 -7.79 -6.91
C GLU A 43 -15.66 -6.64 -7.80
N ARG A 44 -14.67 -5.93 -8.34
CA ARG A 44 -14.85 -4.79 -9.20
C ARG A 44 -13.94 -4.93 -10.40
N GLY A 45 -14.43 -4.44 -11.53
CA GLY A 45 -13.63 -4.23 -12.71
C GLY A 45 -13.50 -5.48 -13.55
N PRO A 46 -12.79 -5.34 -14.68
CA PRO A 46 -12.61 -6.46 -15.60
C PRO A 46 -11.94 -7.69 -15.00
N ASP A 47 -12.17 -8.84 -15.62
CA ASP A 47 -11.35 -10.00 -15.31
C ASP A 47 -9.91 -9.65 -15.68
N PRO A 48 -8.94 -9.85 -14.77
CA PRO A 48 -7.60 -9.31 -14.97
C PRO A 48 -6.69 -10.16 -15.86
N SER A 49 -5.63 -9.49 -16.34
CA SER A 49 -4.54 -10.11 -17.08
C SER A 49 -3.28 -9.31 -16.73
N VAL A 50 -2.15 -9.87 -17.18
CA VAL A 50 -0.88 -9.22 -16.92
C VAL A 50 -0.85 -7.85 -17.60
N ALA A 51 -1.25 -7.80 -18.87
CA ALA A 51 -1.27 -6.54 -19.62
C ALA A 51 -2.19 -5.52 -18.96
N PHE A 52 -3.36 -5.97 -18.50
CA PHE A 52 -4.28 -5.11 -17.78
C PHE A 52 -3.66 -4.51 -16.51
N LEU A 53 -2.95 -5.33 -15.74
CA LEU A 53 -2.33 -4.83 -14.52
C LEU A 53 -1.19 -3.84 -14.83
N GLU A 54 -0.44 -4.14 -15.89
CA GLU A 54 0.81 -3.43 -16.18
C GLU A 54 0.59 -2.13 -16.98
N ALA A 55 -0.62 -1.89 -17.46
CA ALA A 55 -0.96 -0.64 -18.13
C ALA A 55 -0.82 0.55 -17.18
N PRO A 56 -0.62 1.78 -17.68
CA PRO A 56 -0.36 2.90 -16.78
C PRO A 56 -1.42 3.14 -15.71
N THR A 57 -2.68 2.83 -16.02
CA THR A 57 -3.78 3.02 -15.10
C THR A 57 -4.62 1.75 -15.12
N GLY A 58 -5.52 1.62 -14.14
CA GLY A 58 -6.59 0.66 -14.28
C GLY A 58 -7.69 1.25 -15.15
N PRO A 59 -8.87 0.63 -15.06
CA PRO A 59 -9.99 0.92 -15.94
C PRO A 59 -10.64 2.29 -15.79
N HIS A 60 -10.55 2.88 -14.57
CA HIS A 60 -11.28 4.11 -14.30
C HIS A 60 -10.40 5.35 -14.37
N SER A 61 -11.00 6.48 -14.83
CA SER A 61 -10.44 7.80 -14.56
C SER A 61 -10.64 8.10 -13.09
N VAL A 62 -9.84 9.06 -12.60
CA VAL A 62 -9.65 9.32 -11.18
C VAL A 62 -9.91 10.80 -10.89
N ARG A 63 -10.73 11.08 -9.90
CA ARG A 63 -10.88 12.43 -9.39
C ARG A 63 -10.11 12.56 -8.09
N THR A 64 -9.78 13.79 -7.74
CA THR A 64 -9.02 14.05 -6.53
C THR A 64 -9.67 15.17 -5.72
N SER A 65 -9.50 15.06 -4.40
CA SER A 65 -9.93 16.06 -3.45
C SER A 65 -8.82 16.30 -2.44
N ARG A 66 -8.74 17.54 -1.98
CA ARG A 66 -7.66 17.94 -1.07
C ARG A 66 -8.09 17.73 0.37
N VAL A 67 -7.14 17.30 1.21
CA VAL A 67 -7.34 17.31 2.65
C VAL A 67 -6.34 18.33 3.20
N SER A 68 -6.84 19.38 3.82
CA SER A 68 -5.99 20.46 4.29
C SER A 68 -4.93 19.96 5.27
N GLY A 69 -3.73 20.58 5.24
CA GLY A 69 -2.66 20.30 6.19
C GLY A 69 -3.09 20.58 7.63
N LEU A 70 -4.17 21.38 7.78
CA LEU A 70 -4.68 21.72 9.11
C LEU A 70 -5.53 20.60 9.68
N VAL A 71 -5.74 19.55 8.93
CA VAL A 71 -6.39 18.39 9.49
C VAL A 71 -5.69 17.95 10.78
N SER A 72 -6.47 17.44 11.73
CA SER A 72 -5.87 17.04 12.98
C SER A 72 -5.30 15.63 12.86
N GLY A 73 -4.05 15.45 13.28
CA GLY A 73 -3.55 14.11 13.47
C GLY A 73 -2.62 13.63 12.35
N PHE A 74 -2.48 14.41 11.28
CA PHE A 74 -1.59 14.14 10.18
C PHE A 74 -1.52 15.43 9.38
N GLY A 75 -0.74 15.41 8.29
CA GLY A 75 -0.31 16.60 7.59
C GLY A 75 -1.11 16.90 6.33
N GLY A 76 -2.29 16.32 6.18
CA GLY A 76 -3.11 16.58 5.02
C GLY A 76 -2.80 15.58 3.90
N GLY A 77 -3.36 15.84 2.70
CA GLY A 77 -3.08 14.94 1.59
C GLY A 77 -4.14 15.03 0.49
N THR A 78 -4.23 13.93 -0.30
CA THR A 78 -5.12 13.87 -1.45
C THR A 78 -5.95 12.61 -1.36
N ILE A 79 -7.27 12.74 -1.50
CA ILE A 79 -8.13 11.58 -1.72
C ILE A 79 -8.31 11.41 -3.22
N HIS A 80 -8.02 10.20 -3.68
CA HIS A 80 -8.14 9.84 -5.06
C HIS A 80 -9.29 8.85 -5.13
N TYR A 81 -10.18 8.96 -6.13
CA TYR A 81 -11.31 8.06 -6.20
C TYR A 81 -11.69 7.90 -7.67
N PRO A 82 -12.21 6.72 -8.08
CA PRO A 82 -12.66 6.51 -9.45
C PRO A 82 -13.96 7.21 -9.81
N THR A 83 -14.02 7.62 -11.08
CA THR A 83 -15.32 7.91 -11.70
C THR A 83 -15.98 6.64 -12.22
N GLY A 84 -17.27 6.69 -12.56
CA GLY A 84 -17.90 5.62 -13.33
C GLY A 84 -18.13 4.35 -12.54
N THR A 85 -18.25 4.49 -11.20
CA THR A 85 -18.52 3.35 -10.33
C THR A 85 -19.83 3.59 -9.59
N THR A 86 -20.36 2.51 -9.00
CA THR A 86 -21.50 2.56 -8.11
C THR A 86 -21.14 1.70 -6.90
N GLY A 87 -21.74 2.04 -5.75
CA GLY A 87 -21.58 1.30 -4.52
C GLY A 87 -20.29 1.64 -3.79
N THR A 88 -19.96 0.77 -2.82
CA THR A 88 -18.88 1.08 -1.90
C THR A 88 -17.64 0.27 -2.26
N MET A 89 -16.49 0.77 -1.85
CA MET A 89 -15.22 0.09 -2.13
C MET A 89 -14.24 0.30 -0.97
N ALA A 90 -13.18 -0.52 -0.99
CA ALA A 90 -12.17 -0.42 0.07
C ALA A 90 -11.38 0.87 -0.03
N ALA A 91 -10.83 1.23 1.13
CA ALA A 91 -10.06 2.47 1.29
C ALA A 91 -8.62 2.16 1.73
N ILE A 92 -7.71 3.03 1.26
CA ILE A 92 -6.28 2.80 1.43
C ILE A 92 -5.64 4.13 1.82
N VAL A 93 -4.71 4.10 2.81
CA VAL A 93 -3.87 5.23 3.16
C VAL A 93 -2.45 4.94 2.69
N VAL A 94 -1.79 5.94 2.09
CA VAL A 94 -0.42 5.81 1.62
C VAL A 94 0.44 6.87 2.27
N ILE A 95 1.56 6.49 2.91
CA ILE A 95 2.37 7.40 3.72
C ILE A 95 3.82 7.36 3.29
N PRO A 96 4.48 8.54 3.21
CA PRO A 96 5.88 8.59 2.85
C PRO A 96 6.82 8.39 4.03
N GLY A 97 8.11 8.55 3.75
CA GLY A 97 9.20 8.33 4.70
C GLY A 97 9.84 9.62 5.22
N PHE A 98 10.96 9.41 5.93
CA PHE A 98 11.65 10.52 6.59
C PHE A 98 12.01 11.61 5.59
N VAL A 99 11.80 12.86 6.01
CA VAL A 99 12.02 14.11 5.27
C VAL A 99 11.49 14.01 3.83
N SER A 100 10.32 13.37 3.68
CA SER A 100 9.74 13.23 2.36
CA SER A 100 9.71 13.16 2.37
C SER A 100 8.26 13.62 2.37
N ALA A 101 7.87 14.24 1.25
CA ALA A 101 6.50 14.73 1.11
C ALA A 101 5.59 13.68 0.48
N GLU A 102 4.29 14.01 0.49
CA GLU A 102 3.28 13.19 -0.18
C GLU A 102 3.65 12.88 -1.62
N SER A 103 4.24 13.85 -2.33
CA SER A 103 4.55 13.54 -3.72
C SER A 103 5.47 12.33 -3.91
N SER A 104 6.33 12.01 -2.94
CA SER A 104 7.22 10.83 -3.01
C SER A 104 6.49 9.53 -3.23
N ILE A 105 5.23 9.43 -2.79
CA ILE A 105 4.48 8.17 -2.93
C ILE A 105 3.18 8.35 -3.71
N GLU A 106 3.00 9.50 -4.36
CA GLU A 106 1.73 9.84 -4.96
C GLU A 106 1.33 8.83 -6.05
N TRP A 107 2.29 8.18 -6.75
CA TRP A 107 1.95 7.29 -7.85
C TRP A 107 0.86 6.29 -7.43
N TRP A 108 0.98 5.83 -6.21
CA TRP A 108 0.09 4.78 -5.72
C TRP A 108 -1.38 5.22 -5.65
N GLY A 109 -1.61 6.52 -5.51
CA GLY A 109 -2.95 7.07 -5.39
C GLY A 109 -3.79 6.83 -6.64
N PRO A 110 -3.41 7.36 -7.83
CA PRO A 110 -4.21 7.13 -9.02
C PRO A 110 -4.11 5.67 -9.43
N LYS A 111 -2.94 5.05 -9.30
CA LYS A 111 -2.77 3.67 -9.72
C LYS A 111 -3.83 2.81 -9.07
N LEU A 112 -4.00 2.87 -7.76
CA LEU A 112 -4.99 2.04 -7.10
C LEU A 112 -6.39 2.59 -7.23
N ALA A 113 -6.56 3.92 -7.21
CA ALA A 113 -7.92 4.45 -7.28
C ALA A 113 -8.54 3.99 -8.58
N SER A 114 -7.77 4.04 -9.68
CA SER A 114 -8.24 3.64 -11.00
C SER A 114 -8.69 2.18 -11.10
N HIS A 115 -8.39 1.37 -10.08
CA HIS A 115 -8.81 -0.02 -9.95
C HIS A 115 -9.93 -0.23 -8.94
N GLY A 116 -10.63 0.84 -8.56
CA GLY A 116 -11.78 0.68 -7.68
C GLY A 116 -11.44 0.62 -6.18
N PHE A 117 -10.67 1.61 -5.71
CA PHE A 117 -10.37 1.88 -4.33
C PHE A 117 -10.48 3.39 -4.14
N VAL A 118 -10.75 3.77 -2.88
CA VAL A 118 -10.60 5.15 -2.46
C VAL A 118 -9.27 5.27 -1.73
N VAL A 119 -8.35 6.10 -2.24
CA VAL A 119 -6.98 6.06 -1.79
C VAL A 119 -6.54 7.46 -1.36
N MET A 120 -6.05 7.60 -0.12
CA MET A 120 -5.65 8.90 0.41
C MET A 120 -4.13 8.86 0.59
N THR A 121 -3.42 9.65 -0.22
CA THR A 121 -1.99 9.83 -0.05
C THR A 121 -1.77 10.99 0.92
N ILE A 122 -0.80 10.88 1.84
CA ILE A 122 -0.72 11.88 2.90
C ILE A 122 0.67 12.49 3.06
N ASP A 123 0.66 13.63 3.77
CA ASP A 123 1.83 14.17 4.45
C ASP A 123 1.71 13.84 5.93
N THR A 124 2.89 13.72 6.58
CA THR A 124 2.98 13.68 8.03
C THR A 124 3.02 15.09 8.59
N ASN A 125 2.90 15.17 9.92
CA ASN A 125 2.97 16.44 10.63
C ASN A 125 4.28 17.15 10.33
N THR A 126 5.41 16.45 10.42
CA THR A 126 6.72 17.05 10.08
C THR A 126 7.48 15.98 9.29
N GLY A 127 8.50 16.41 8.52
CA GLY A 127 9.34 15.42 7.87
C GLY A 127 10.15 14.56 8.83
N PHE A 128 10.30 15.03 10.08
CA PHE A 128 11.21 14.36 10.98
C PHE A 128 10.52 13.30 11.83
N ASP A 129 9.23 13.08 11.63
CA ASP A 129 8.52 12.15 12.48
C ASP A 129 9.10 10.75 12.31
N GLN A 130 9.22 10.02 13.42
CA GLN A 130 9.84 8.69 13.43
C GLN A 130 8.76 7.61 13.30
N PRO A 131 9.07 6.29 13.17
CA PRO A 131 8.02 5.29 12.91
C PRO A 131 6.87 5.23 13.91
N PRO A 132 7.09 5.36 15.25
CA PRO A 132 5.95 5.30 16.17
C PRO A 132 4.93 6.40 15.89
N SER A 133 5.41 7.61 15.67
CA SER A 133 4.60 8.77 15.29
C SER A 133 3.90 8.52 13.97
N ARG A 134 4.61 8.01 12.97
CA ARG A 134 4.00 7.72 11.70
C ARG A 134 2.88 6.69 11.85
N ALA A 135 3.02 5.65 12.70
CA ALA A 135 1.98 4.67 12.93
C ALA A 135 0.75 5.37 13.49
N ARG A 136 0.95 6.25 14.45
CA ARG A 136 -0.17 7.03 14.99
C ARG A 136 -0.88 7.86 13.94
N GLN A 137 -0.09 8.42 13.02
CA GLN A 137 -0.66 9.29 11.99
C GLN A 137 -1.35 8.47 10.91
N ILE A 138 -0.87 7.26 10.62
CA ILE A 138 -1.64 6.34 9.78
C ILE A 138 -3.02 6.08 10.41
N ASN A 139 -3.04 5.78 11.70
CA ASN A 139 -4.31 5.54 12.35
C ASN A 139 -5.25 6.75 12.29
N ASN A 140 -4.70 7.95 12.51
CA ASN A 140 -5.49 9.15 12.42
C ASN A 140 -6.01 9.35 11.00
N ALA A 141 -5.18 9.11 9.99
CA ALA A 141 -5.55 9.23 8.59
C ALA A 141 -6.64 8.21 8.22
N LEU A 142 -6.50 6.99 8.68
CA LEU A 142 -7.58 6.02 8.49
C LEU A 142 -8.90 6.46 9.12
N ASP A 143 -8.82 6.97 10.36
CA ASP A 143 -10.01 7.47 11.03
C ASP A 143 -10.66 8.62 10.23
N TYR A 144 -9.82 9.54 9.75
CA TYR A 144 -10.29 10.65 8.91
C TYR A 144 -10.95 10.13 7.63
N LEU A 145 -10.28 9.22 6.93
CA LEU A 145 -10.82 8.74 5.67
C LEU A 145 -12.15 8.03 5.90
N VAL A 146 -12.26 7.17 6.94
CA VAL A 146 -13.52 6.52 7.31
C VAL A 146 -14.59 7.57 7.57
N SER A 147 -14.27 8.65 8.29
CA SER A 147 -15.23 9.71 8.59
C SER A 147 -15.79 10.36 7.33
N GLN A 148 -14.99 10.41 6.26
CA GLN A 148 -15.46 10.95 4.99
C GLN A 148 -16.63 10.16 4.41
N ASN A 149 -16.84 8.90 4.78
CA ASN A 149 -17.93 8.16 4.18
C ASN A 149 -19.27 8.77 4.54
N THR A 150 -19.31 9.49 5.68
CA THR A 150 -20.57 10.05 6.15
C THR A 150 -20.53 11.57 6.27
N SER A 151 -19.43 12.22 5.86
CA SER A 151 -19.36 13.67 5.92
C SER A 151 -20.24 14.26 4.81
N ARG A 152 -21.04 15.28 5.16
CA ARG A 152 -21.99 15.88 4.25
C ARG A 152 -21.26 16.51 3.05
N THR A 153 -20.06 17.04 3.26
CA THR A 153 -19.42 17.85 2.23
C THR A 153 -18.41 17.01 1.43
N SER A 154 -18.19 15.75 1.81
CA SER A 154 -17.15 14.93 1.20
C SER A 154 -17.55 14.37 -0.17
N PRO A 155 -16.70 14.48 -1.20
CA PRO A 155 -16.99 13.89 -2.50
C PRO A 155 -17.02 12.36 -2.50
N VAL A 156 -16.52 11.70 -1.43
CA VAL A 156 -16.55 10.25 -1.32
C VAL A 156 -17.59 9.77 -0.30
N ASN A 157 -18.56 10.61 0.04
CA ASN A 157 -19.66 10.21 0.87
C ASN A 157 -20.35 8.99 0.26
N GLY A 158 -20.52 7.95 1.08
CA GLY A 158 -21.28 6.76 0.71
C GLY A 158 -20.49 5.84 -0.21
N MET A 159 -19.21 6.09 -0.43
CA MET A 159 -18.44 5.37 -1.42
C MET A 159 -17.45 4.38 -0.77
N ILE A 160 -17.35 4.40 0.56
CA ILE A 160 -16.33 3.64 1.28
C ILE A 160 -17.01 2.56 2.07
N ASP A 161 -16.46 1.36 1.91
CA ASP A 161 -16.73 0.26 2.82
C ASP A 161 -15.70 0.31 3.94
N THR A 162 -16.13 0.89 5.06
CA THR A 162 -15.18 1.26 6.10
C THR A 162 -14.63 0.05 6.85
N GLU A 163 -15.17 -1.17 6.64
CA GLU A 163 -14.62 -2.41 7.23
C GLU A 163 -13.39 -2.86 6.42
N ARG A 164 -13.11 -2.28 5.23
CA ARG A 164 -12.14 -2.85 4.31
C ARG A 164 -11.06 -1.80 4.09
N LEU A 165 -9.99 -1.84 4.92
CA LEU A 165 -8.97 -0.78 4.91
C LEU A 165 -7.57 -1.37 4.69
N GLY A 166 -6.78 -0.69 3.85
CA GLY A 166 -5.40 -1.09 3.63
C GLY A 166 -4.45 0.07 3.89
N VAL A 167 -3.17 -0.25 4.03
CA VAL A 167 -2.14 0.75 4.19
C VAL A 167 -0.94 0.38 3.36
N ILE A 168 -0.35 1.41 2.74
CA ILE A 168 0.89 1.34 2.00
C ILE A 168 1.83 2.40 2.56
N GLY A 169 3.11 2.09 2.74
CA GLY A 169 3.99 3.12 3.25
C GLY A 169 5.43 2.85 2.89
N TRP A 170 6.17 3.94 2.67
CA TRP A 170 7.56 3.88 2.25
C TRP A 170 8.52 4.23 3.38
N SER A 171 9.49 3.35 3.57
CA SER A 171 10.65 3.60 4.40
C SER A 171 10.15 3.74 5.84
N MET A 172 10.40 4.84 6.57
CA MET A 172 9.84 4.93 7.91
C MET A 172 8.31 4.75 7.90
N GLY A 173 7.70 5.18 6.78
CA GLY A 173 6.25 5.06 6.62
C GLY A 173 5.85 3.58 6.50
N GLY A 174 6.77 2.79 5.95
CA GLY A 174 6.70 1.35 5.89
C GLY A 174 6.83 0.65 7.26
N GLY A 175 7.72 1.17 8.14
CA GLY A 175 7.73 0.79 9.55
C GLY A 175 6.37 1.08 10.18
N GLY A 176 5.89 2.33 9.99
CA GLY A 176 4.58 2.67 10.50
C GLY A 176 3.47 1.74 10.01
N THR A 177 3.54 1.31 8.75
CA THR A 177 2.58 0.39 8.15
C THR A 177 2.62 -0.94 8.89
N LEU A 178 3.82 -1.47 9.13
CA LEU A 178 3.97 -2.74 9.81
C LEU A 178 3.46 -2.63 11.23
N ARG A 179 3.64 -1.49 11.90
CA ARG A 179 3.11 -1.30 13.23
C ARG A 179 1.60 -1.37 13.16
N VAL A 180 0.96 -0.61 12.27
CA VAL A 180 -0.50 -0.57 12.25
C VAL A 180 -1.05 -1.94 11.84
N ALA A 181 -0.33 -2.66 10.97
CA ALA A 181 -0.72 -4.00 10.56
C ALA A 181 -0.71 -5.00 11.71
N SER A 182 -0.14 -4.62 12.86
CA SER A 182 -0.10 -5.45 14.07
C SER A 182 -1.29 -5.21 15.00
N GLU A 183 -2.20 -4.30 14.60
CA GLU A 183 -3.25 -3.88 15.51
C GLU A 183 -4.60 -4.56 15.27
N GLY A 184 -4.86 -5.12 14.09
CA GLY A 184 -6.10 -5.90 13.90
C GLY A 184 -7.29 -5.12 13.32
N ARG A 185 -7.07 -3.92 12.77
CA ARG A 185 -8.12 -3.21 12.03
C ARG A 185 -7.91 -3.43 10.54
N ILE A 186 -6.71 -3.13 10.03
CA ILE A 186 -6.49 -3.11 8.61
C ILE A 186 -6.40 -4.53 8.09
N LYS A 187 -6.78 -4.70 6.82
CA LYS A 187 -6.94 -6.00 6.19
C LYS A 187 -5.85 -6.29 5.15
N ALA A 188 -4.98 -5.31 4.87
CA ALA A 188 -3.86 -5.52 3.95
C ALA A 188 -2.80 -4.45 4.22
N ALA A 189 -1.52 -4.81 4.06
CA ALA A 189 -0.42 -3.91 4.30
C ALA A 189 0.63 -4.12 3.22
N ILE A 190 1.13 -3.00 2.66
CA ILE A 190 2.25 -3.09 1.75
C ILE A 190 3.35 -2.11 2.17
N PRO A 191 4.36 -2.58 2.91
CA PRO A 191 5.53 -1.75 3.24
C PRO A 191 6.43 -1.70 1.99
N LEU A 192 6.91 -0.51 1.60
CA LEU A 192 7.78 -0.27 0.46
C LEU A 192 9.12 0.16 1.00
N ALA A 193 10.16 -0.62 0.68
CA ALA A 193 11.50 -0.39 1.19
C ALA A 193 11.47 0.04 2.66
N PRO A 194 10.85 -0.75 3.56
CA PRO A 194 10.62 -0.30 4.93
C PRO A 194 11.89 -0.06 5.73
N TRP A 195 11.79 0.87 6.72
CA TRP A 195 12.81 1.19 7.70
C TRP A 195 12.14 1.24 9.06
N ASP A 196 12.75 0.54 10.03
CA ASP A 196 12.28 0.61 11.39
C ASP A 196 13.36 0.03 12.28
N THR A 197 13.14 0.19 13.59
CA THR A 197 14.06 -0.23 14.64
C THR A 197 13.48 -1.36 15.46
N THR A 198 12.16 -1.63 15.33
CA THR A 198 11.51 -2.66 16.11
C THR A 198 11.50 -3.97 15.30
N ARG A 199 10.76 -4.97 15.81
CA ARG A 199 10.54 -6.23 15.12
C ARG A 199 9.03 -6.49 15.00
N PHE A 200 8.66 -7.36 14.04
CA PHE A 200 7.29 -7.44 13.57
C PHE A 200 6.70 -8.83 13.70
N ARG A 201 6.83 -9.38 14.91
CA ARG A 201 6.33 -10.73 15.16
C ARG A 201 4.84 -10.75 15.45
N GLY A 202 4.21 -9.57 15.55
CA GLY A 202 2.78 -9.47 15.85
C GLY A 202 1.94 -8.98 14.68
N VAL A 203 2.50 -8.86 13.45
CA VAL A 203 1.70 -8.47 12.31
C VAL A 203 0.57 -9.43 12.06
N GLN A 204 -0.65 -8.91 11.83
CA GLN A 204 -1.84 -9.77 11.79
C GLN A 204 -2.74 -9.45 10.60
N ALA A 205 -2.20 -8.76 9.61
CA ALA A 205 -2.88 -8.53 8.35
C ALA A 205 -1.97 -9.08 7.24
N PRO A 206 -2.56 -9.55 6.11
CA PRO A 206 -1.79 -10.05 4.99
C PRO A 206 -0.84 -8.96 4.50
N THR A 207 0.44 -9.29 4.41
CA THR A 207 1.51 -8.32 4.24
C THR A 207 2.42 -8.71 3.08
N LEU A 208 2.58 -7.76 2.14
CA LEU A 208 3.49 -7.84 1.00
C LEU A 208 4.57 -6.78 1.22
N ILE A 209 5.82 -7.24 1.36
CA ILE A 209 6.92 -6.31 1.53
C ILE A 209 7.62 -6.20 0.19
N PHE A 210 7.73 -4.98 -0.32
CA PHE A 210 8.60 -4.73 -1.45
C PHE A 210 9.95 -4.25 -0.92
N ALA A 211 10.99 -4.98 -1.30
CA ALA A 211 12.36 -4.71 -0.91
C ALA A 211 13.11 -4.21 -2.12
N CYS A 212 14.17 -3.45 -1.88
CA CYS A 212 14.91 -2.87 -2.99
C CYS A 212 16.34 -3.36 -2.82
N GLU A 213 16.77 -4.23 -3.72
CA GLU A 213 18.00 -4.99 -3.50
C GLU A 213 19.19 -4.14 -3.10
N SER A 214 19.43 -3.01 -3.79
CA SER A 214 20.63 -2.22 -3.65
C SER A 214 20.44 -1.05 -2.70
N ASP A 215 19.37 -1.07 -1.91
CA ASP A 215 19.00 0.01 -0.98
C ASP A 215 20.17 0.29 -0.02
N LEU A 216 20.68 1.55 -0.02
CA LEU A 216 21.75 1.99 0.84
C LEU A 216 21.19 2.72 2.06
N ILE A 217 19.91 3.11 2.02
CA ILE A 217 19.28 3.91 3.07
C ILE A 217 18.63 2.98 4.09
N ALA A 218 17.85 2.01 3.60
CA ALA A 218 17.25 1.00 4.44
C ALA A 218 17.69 -0.36 3.91
N PRO A 219 18.94 -0.74 4.16
CA PRO A 219 19.50 -1.91 3.46
C PRO A 219 18.63 -3.12 3.77
N VAL A 220 18.40 -3.96 2.75
CA VAL A 220 17.46 -5.06 2.89
C VAL A 220 17.93 -6.03 3.97
N ARG A 221 19.25 -6.13 4.18
CA ARG A 221 19.72 -7.13 5.13
C ARG A 221 19.42 -6.71 6.56
N SER A 222 19.19 -5.42 6.79
CA SER A 222 18.93 -4.91 8.12
C SER A 222 17.48 -4.50 8.37
N HIS A 223 16.66 -4.40 7.31
CA HIS A 223 15.30 -3.88 7.40
C HIS A 223 14.35 -4.86 6.71
N ALA A 224 14.14 -4.71 5.39
CA ALA A 224 13.08 -5.46 4.72
C ALA A 224 13.16 -6.97 4.94
N SER A 225 14.34 -7.56 4.84
CA SER A 225 14.46 -8.99 4.93
C SER A 225 14.21 -9.51 6.35
N PRO A 226 14.85 -8.94 7.39
CA PRO A 226 14.49 -9.29 8.77
C PRO A 226 12.99 -9.11 9.04
N PHE A 227 12.39 -8.00 8.59
CA PHE A 227 10.97 -7.73 8.82
C PHE A 227 10.12 -8.88 8.26
N TYR A 228 10.41 -9.27 7.02
CA TYR A 228 9.67 -10.41 6.45
C TYR A 228 9.86 -11.67 7.32
N ASN A 229 11.10 -12.01 7.70
CA ASN A 229 11.36 -13.24 8.44
C ASN A 229 10.68 -13.21 9.82
N GLN A 230 10.47 -12.00 10.37
CA GLN A 230 9.84 -11.81 11.68
C GLN A 230 8.33 -12.01 11.56
N LEU A 231 7.74 -11.85 10.37
CA LEU A 231 6.29 -11.95 10.28
C LEU A 231 5.82 -13.33 10.73
N PRO A 232 4.70 -13.40 11.49
CA PRO A 232 4.30 -14.68 12.05
C PRO A 232 3.72 -15.59 10.96
N ASP A 233 3.42 -16.82 11.37
CA ASP A 233 3.03 -17.86 10.45
C ASP A 233 1.54 -17.88 10.13
N ASP A 234 0.78 -17.14 10.92
CA ASP A 234 -0.66 -17.17 10.76
C ASP A 234 -1.18 -16.03 9.91
N ILE A 235 -0.32 -15.43 9.05
CA ILE A 235 -0.77 -14.49 8.05
C ILE A 235 -0.38 -14.99 6.67
N ASP A 236 -1.13 -14.52 5.66
CA ASP A 236 -0.68 -14.59 4.26
C ASP A 236 0.36 -13.51 3.99
N LYS A 237 1.44 -13.84 3.30
CA LYS A 237 2.56 -12.90 3.19
C LYS A 237 3.39 -13.20 1.97
N ALA A 238 4.19 -12.18 1.59
CA ALA A 238 5.04 -12.24 0.42
C ALA A 238 6.16 -11.21 0.59
N TYR A 239 7.33 -11.54 0.00
CA TYR A 239 8.51 -10.69 -0.05
C TYR A 239 8.92 -10.62 -1.51
N VAL A 240 8.95 -9.41 -2.03
CA VAL A 240 9.35 -9.21 -3.42
C VAL A 240 10.49 -8.21 -3.44
N GLU A 241 11.67 -8.73 -3.79
CA GLU A 241 12.85 -7.90 -3.83
C GLU A 241 13.13 -7.50 -5.27
N ILE A 242 13.12 -6.21 -5.53
CA ILE A 242 13.34 -5.68 -6.87
C ILE A 242 14.82 -5.58 -7.21
N ASN A 243 15.17 -6.12 -8.36
CA ASN A 243 16.54 -6.38 -8.77
C ASN A 243 17.26 -5.05 -8.89
N ASN A 244 18.43 -4.91 -8.23
CA ASN A 244 19.26 -3.71 -8.27
C ASN A 244 18.53 -2.43 -7.83
N GLY A 245 17.44 -2.56 -7.06
CA GLY A 245 16.64 -1.38 -6.68
C GLY A 245 17.34 -0.42 -5.70
N SER A 246 17.27 0.89 -5.96
CA SER A 246 17.65 1.92 -4.99
C SER A 246 16.56 1.97 -3.93
N HIS A 247 16.80 2.81 -2.93
CA HIS A 247 15.82 3.04 -1.87
C HIS A 247 14.47 3.51 -2.41
N TYR A 248 14.47 4.05 -3.64
CA TYR A 248 13.30 4.66 -4.23
C TYR A 248 12.60 3.70 -5.18
N CYS A 249 12.99 2.41 -5.17
CA CYS A 249 12.60 1.52 -6.26
C CYS A 249 11.12 1.14 -6.23
N ALA A 250 10.45 1.27 -5.09
CA ALA A 250 9.06 0.83 -4.93
C ALA A 250 8.11 2.00 -4.71
N ASN A 251 8.60 3.22 -4.88
CA ASN A 251 7.75 4.38 -4.67
C ASN A 251 6.71 4.52 -5.77
N GLY A 252 7.02 3.98 -6.96
CA GLY A 252 6.12 4.11 -8.11
C GLY A 252 6.61 5.18 -9.08
N GLY A 253 6.23 5.01 -10.35
CA GLY A 253 6.65 5.94 -11.40
C GLY A 253 8.09 5.80 -11.85
N GLY A 254 8.67 4.63 -11.69
CA GLY A 254 10.01 4.33 -12.18
C GLY A 254 10.00 3.16 -13.16
N LEU A 255 11.12 2.43 -13.26
CA LEU A 255 11.22 1.36 -14.25
C LEU A 255 10.73 0.01 -13.71
N ASN A 256 10.18 0.03 -12.50
CA ASN A 256 9.76 -1.18 -11.82
C ASN A 256 8.24 -1.24 -11.74
N ASN A 257 7.52 -0.43 -12.49
CA ASN A 257 6.08 -0.37 -12.38
C ASN A 257 5.41 -1.70 -12.73
N ASP A 258 6.02 -2.57 -13.56
CA ASP A 258 5.34 -3.81 -13.93
C ASP A 258 5.23 -4.66 -12.68
N VAL A 259 6.35 -4.85 -11.92
CA VAL A 259 6.26 -5.65 -10.71
C VAL A 259 5.37 -5.00 -9.64
N LEU A 260 5.49 -3.67 -9.45
CA LEU A 260 4.68 -3.02 -8.43
C LEU A 260 3.19 -3.14 -8.77
N SER A 261 2.85 -3.01 -10.04
CA SER A 261 1.47 -3.15 -10.50
C SER A 261 0.98 -4.58 -10.28
N ARG A 262 1.72 -5.56 -10.79
CA ARG A 262 1.22 -6.93 -10.72
C ARG A 262 1.00 -7.36 -9.28
N PHE A 263 1.99 -7.09 -8.43
CA PHE A 263 1.89 -7.49 -7.03
C PHE A 263 0.98 -6.56 -6.21
N GLY A 264 1.16 -5.24 -6.34
CA GLY A 264 0.47 -4.32 -5.45
C GLY A 264 -1.02 -4.19 -5.71
N VAL A 265 -1.42 -4.14 -6.99
CA VAL A 265 -2.84 -4.10 -7.29
C VAL A 265 -3.43 -5.46 -6.87
N SER A 266 -2.75 -6.57 -7.22
CA SER A 266 -3.31 -7.88 -6.91
C SER A 266 -3.43 -8.10 -5.41
N TRP A 267 -2.47 -7.62 -4.63
CA TRP A 267 -2.53 -7.76 -3.17
C TRP A 267 -3.81 -7.10 -2.65
N MET A 268 -4.07 -5.84 -3.05
CA MET A 268 -5.20 -5.14 -2.48
C MET A 268 -6.52 -5.72 -2.99
N LYS A 269 -6.53 -6.19 -4.24
CA LYS A 269 -7.68 -6.91 -4.75
C LYS A 269 -7.93 -8.16 -3.93
N ARG A 270 -6.90 -8.98 -3.78
CA ARG A 270 -7.07 -10.27 -3.14
C ARG A 270 -7.50 -10.10 -1.68
N PHE A 271 -6.92 -9.13 -0.96
CA PHE A 271 -7.08 -9.09 0.48
C PHE A 271 -8.09 -8.06 0.95
N LEU A 272 -8.22 -6.93 0.23
CA LEU A 272 -9.28 -6.01 0.59
C LEU A 272 -10.62 -6.39 -0.03
N ASP A 273 -10.60 -6.93 -1.26
CA ASP A 273 -11.84 -7.25 -1.96
C ASP A 273 -12.15 -8.74 -1.93
N ASN A 274 -11.27 -9.53 -1.31
CA ASN A 274 -11.47 -10.98 -1.31
C ASN A 274 -11.60 -11.48 -2.76
N ASP A 275 -10.84 -10.87 -3.68
CA ASP A 275 -11.03 -11.10 -5.11
C ASP A 275 -9.99 -12.11 -5.62
N THR A 276 -10.41 -13.38 -5.68
CA THR A 276 -9.52 -14.47 -6.02
C THR A 276 -9.22 -14.58 -7.50
N ARG A 277 -9.80 -13.70 -8.32
CA ARG A 277 -9.34 -13.58 -9.70
C ARG A 277 -7.89 -13.13 -9.76
N TYR A 278 -7.45 -12.47 -8.69
CA TYR A 278 -6.09 -11.94 -8.62
C TYR A 278 -5.08 -12.94 -8.02
N SER A 279 -5.55 -14.06 -7.47
CA SER A 279 -4.65 -15.07 -6.89
C SER A 279 -3.58 -15.47 -7.90
N GLN A 280 -3.96 -15.57 -9.17
CA GLN A 280 -3.11 -16.13 -10.19
C GLN A 280 -1.82 -15.33 -10.38
N PHE A 281 -1.81 -14.04 -10.07
CA PHE A 281 -0.62 -13.18 -10.24
C PHE A 281 0.28 -13.30 -9.02
N LEU A 282 -0.28 -13.71 -7.85
CA LEU A 282 0.44 -13.81 -6.57
C LEU A 282 1.00 -15.23 -6.37
N CYS A 283 0.30 -16.28 -6.78
CA CYS A 283 0.62 -17.67 -6.47
C CYS A 283 0.49 -18.47 -7.75
N GLY A 284 1.61 -19.03 -8.19
CA GLY A 284 1.66 -19.71 -9.47
C GLY A 284 2.88 -19.38 -10.30
N PRO A 285 3.12 -18.11 -10.66
CA PRO A 285 4.30 -17.79 -11.46
C PRO A 285 5.58 -17.99 -10.63
N ASN A 286 6.67 -18.33 -11.28
CA ASN A 286 7.98 -18.39 -10.64
C ASN A 286 8.52 -16.97 -10.59
N HIS A 287 8.25 -16.26 -9.51
CA HIS A 287 8.48 -14.84 -9.48
C HIS A 287 9.96 -14.48 -9.68
N GLU A 288 10.87 -15.24 -9.07
CA GLU A 288 12.28 -14.91 -9.19
C GLU A 288 12.78 -14.98 -10.64
N SER A 289 12.09 -15.72 -11.52
CA SER A 289 12.52 -15.91 -12.89
C SER A 289 12.28 -14.63 -13.69
N ASP A 290 11.47 -13.72 -13.16
CA ASP A 290 11.38 -12.35 -13.65
C ASP A 290 12.72 -11.68 -13.43
N ARG A 291 13.29 -11.12 -14.50
CA ARG A 291 14.63 -10.53 -14.41
C ARG A 291 14.62 -9.32 -13.46
N ASN A 292 13.45 -8.70 -13.15
CA ASN A 292 13.42 -7.55 -12.25
C ASN A 292 13.09 -7.92 -10.81
N ILE A 293 12.99 -9.22 -10.51
CA ILE A 293 12.81 -9.72 -9.15
C ILE A 293 14.00 -10.58 -8.76
N SER A 294 14.75 -10.09 -7.80
CA SER A 294 16.01 -10.69 -7.42
C SER A 294 15.79 -11.71 -6.32
N GLU A 295 14.69 -11.61 -5.58
CA GLU A 295 14.35 -12.63 -4.59
C GLU A 295 12.87 -12.52 -4.31
N TYR A 296 12.25 -13.68 -4.09
CA TYR A 296 10.86 -13.80 -3.70
C TYR A 296 10.75 -14.77 -2.53
N ARG A 297 9.88 -14.48 -1.56
CA ARG A 297 9.51 -15.43 -0.52
C ARG A 297 8.00 -15.32 -0.32
N GLY A 298 7.35 -16.37 0.15
CA GLY A 298 5.90 -16.34 0.39
C GLY A 298 5.37 -17.66 0.94
N ASN A 299 4.09 -17.67 1.33
CA ASN A 299 3.50 -18.86 1.87
C ASN A 299 2.20 -19.18 1.13
N CYS A 300 2.23 -19.07 -0.19
CA CYS A 300 1.16 -19.55 -1.08
C CYS A 300 0.86 -21.03 -0.78
N PRO A 301 -0.39 -21.52 -0.99
CA PRO A 301 -1.51 -20.67 -1.43
C PRO A 301 -2.10 -19.83 -0.31
N TYR A 302 -2.92 -18.84 -0.66
CA TYR A 302 -3.65 -18.00 0.26
C TYR A 302 -5.13 -18.41 0.24
#